data_6T4E
#
_entry.id   6T4E
#
_cell.length_a   62.910
_cell.length_b   89.560
_cell.length_c   61.370
_cell.angle_alpha   90.000
_cell.angle_beta   96.640
_cell.angle_gamma   90.000
#
_symmetry.space_group_name_H-M   'C 1 2 1'
#
loop_
_entity.id
_entity.type
_entity.pdbx_description
1 polymer 'Genome polyprotein'
2 polymer 'Genome polyprotein'
3 non-polymer ~{N}-[2-(5-fluoranyl-1~{H}-indol-3-yl)ethyl]ethanamide
4 water water
#
loop_
_entity_poly.entity_id
_entity_poly.type
_entity_poly.pdbx_seq_one_letter_code
_entity_poly.pdbx_strand_id
1 'polypeptide(L)'
;APPTLWSRVTKFGSGWGFWVSPTVFITTTHVIPTSAKEFFGEPLTSIAIHRAGEFTLFRFSKKIRPDLTGMILEEGCPEG
TVCSVLIKRDSGELLPLAVRMGAIASMRIQGRLVHGQSGMLLTGANAKGMDLGTIPGDCGAPYVYKRANDWVVCGVHAAA
TKSGNTVVCAVQ
;
A
2 'polypeptide(L)'
;PPTLWSRVTKFGSGWGFWVSPTVFITTTHVIPTSAKEFFGEPLTSIAIHRAGEFTLFRFSKKIRPDLTGMILEEGCPEGT
VCSVLIKRDSGELLPLAVRMGAIASMRIQGRLVHGQSGMLLTGANAKGMDLGTIPGDCGAPYVYKRANDWVVCGVHAAAT
KSGNTVVCAVQA
;
B
#
# COMPACT_ATOMS: atom_id res chain seq x y z
N ALA A 1 8.35 -6.03 0.90
CA ALA A 1 9.47 -5.62 1.77
C ALA A 1 9.90 -6.84 2.58
N PRO A 2 11.19 -7.05 2.87
CA PRO A 2 11.61 -8.28 3.52
C PRO A 2 11.01 -8.47 4.93
N PRO A 3 10.68 -9.71 5.31
CA PRO A 3 10.26 -10.02 6.68
C PRO A 3 11.12 -9.39 7.80
N THR A 4 12.45 -9.31 7.66
CA THR A 4 13.32 -8.73 8.74
CA THR A 4 13.31 -8.76 8.74
C THR A 4 12.97 -7.26 8.94
N LEU A 5 12.63 -6.51 7.87
CA LEU A 5 12.25 -5.08 8.05
C LEU A 5 10.92 -4.97 8.80
N TRP A 6 9.92 -5.79 8.50
CA TRP A 6 8.64 -5.71 9.26
C TRP A 6 8.83 -6.09 10.74
N SER A 7 9.74 -7.04 11.04
CA SER A 7 10.03 -7.49 12.41
C SER A 7 10.60 -6.33 13.24
N ARG A 8 11.26 -5.32 12.61
CA ARG A 8 11.87 -4.17 13.33
C ARG A 8 10.83 -3.10 13.65
N VAL A 9 9.65 -3.17 13.07
CA VAL A 9 8.59 -2.13 13.26
C VAL A 9 7.77 -2.50 14.51
N THR A 10 8.00 -1.80 15.62
CA THR A 10 7.50 -2.11 17.01
C THR A 10 6.42 -1.12 17.46
N LYS A 11 5.29 -1.61 17.97
CA LYS A 11 4.22 -0.70 18.47
C LYS A 11 4.79 0.08 19.64
N PHE A 12 4.62 1.40 19.64
CA PHE A 12 5.29 2.31 20.62
C PHE A 12 4.49 3.60 20.84
N GLY A 13 4.14 3.89 22.11
CA GLY A 13 3.39 5.11 22.46
C GLY A 13 2.14 5.22 21.63
N SER A 14 1.88 6.36 20.99
CA SER A 14 0.68 6.57 20.14
C SER A 14 0.96 6.20 18.67
N GLY A 15 2.09 5.56 18.37
CA GLY A 15 2.44 5.17 16.98
C GLY A 15 3.36 3.96 16.96
N TRP A 16 4.55 4.16 16.37
CA TRP A 16 5.55 3.10 16.02
C TRP A 16 6.96 3.62 16.22
N GLY A 17 7.86 2.68 16.31
CA GLY A 17 9.30 2.95 16.11
C GLY A 17 9.97 1.81 15.41
N PHE A 18 11.29 1.96 15.19
CA PHE A 18 12.04 1.06 14.29
C PHE A 18 13.40 0.70 14.88
N TRP A 19 13.67 -0.60 15.03
CA TRP A 19 14.99 -1.11 15.46
C TRP A 19 15.99 -1.10 14.29
N VAL A 20 16.93 -0.18 14.37
CA VAL A 20 18.10 -0.11 13.44
C VAL A 20 19.12 -1.23 13.74
N SER A 21 19.28 -1.55 15.01
CA SER A 21 20.23 -2.57 15.49
C SER A 21 19.70 -3.16 16.78
N PRO A 22 20.41 -4.14 17.40
CA PRO A 22 20.01 -4.61 18.72
C PRO A 22 19.96 -3.56 19.84
N THR A 23 20.68 -2.43 19.71
CA THR A 23 20.73 -1.37 20.75
C THR A 23 20.16 -0.03 20.26
N VAL A 24 19.76 0.11 18.99
CA VAL A 24 19.32 1.46 18.51
C VAL A 24 17.90 1.39 17.96
N PHE A 25 17.06 2.25 18.54
CA PHE A 25 15.60 2.40 18.27
C PHE A 25 15.30 3.85 17.87
N ILE A 26 14.71 4.05 16.70
CA ILE A 26 14.34 5.42 16.21
C ILE A 26 12.81 5.60 16.16
N THR A 27 12.34 6.81 16.41
CA THR A 27 10.87 7.12 16.39
C THR A 27 10.63 8.62 16.16
N THR A 28 9.36 8.98 16.03
CA THR A 28 8.90 10.37 15.90
C THR A 28 8.67 10.92 17.31
N THR A 29 9.24 12.10 17.60
CA THR A 29 9.26 12.66 18.97
C THR A 29 7.84 12.74 19.58
N HIS A 30 6.84 13.22 18.85
CA HIS A 30 5.47 13.45 19.40
C HIS A 30 4.79 12.12 19.79
N VAL A 31 5.23 10.90 19.37
CA VAL A 31 4.52 9.66 19.81
C VAL A 31 5.06 9.19 21.18
N ILE A 32 6.15 9.76 21.71
CA ILE A 32 6.79 9.26 22.97
C ILE A 32 5.92 9.70 24.14
N PRO A 33 5.50 8.75 25.00
CA PRO A 33 4.74 9.09 26.21
C PRO A 33 5.58 10.03 27.10
N THR A 34 5.05 11.24 27.34
CA THR A 34 5.76 12.38 27.98
C THR A 34 6.19 12.09 29.44
N SER A 35 5.43 11.35 30.24
CA SER A 35 5.83 11.04 31.66
C SER A 35 6.75 9.80 31.78
N ALA A 36 7.17 9.16 30.67
CA ALA A 36 7.69 7.77 30.74
C ALA A 36 9.12 7.79 31.25
N LYS A 37 9.47 6.88 32.17
CA LYS A 37 10.79 6.81 32.85
C LYS A 37 11.49 5.48 32.58
N GLU A 38 10.81 4.50 31.97
CA GLU A 38 11.39 3.16 31.65
C GLU A 38 10.98 2.76 30.22
N PHE A 39 11.92 2.21 29.45
CA PHE A 39 11.67 1.71 28.07
C PHE A 39 12.33 0.36 27.96
N PHE A 40 11.56 -0.63 27.54
CA PHE A 40 11.96 -2.06 27.45
C PHE A 40 12.76 -2.43 28.72
N GLY A 41 12.19 -2.14 29.90
CA GLY A 41 12.71 -2.57 31.20
C GLY A 41 13.91 -1.75 31.67
N GLU A 42 14.35 -0.75 30.91
CA GLU A 42 15.61 -0.01 31.19
C GLU A 42 15.29 1.38 31.70
N PRO A 43 15.98 1.90 32.75
CA PRO A 43 15.76 3.27 33.19
C PRO A 43 16.40 4.30 32.24
N LEU A 44 15.89 5.54 32.24
CA LEU A 44 16.42 6.71 31.46
C LEU A 44 17.95 6.81 31.55
N THR A 45 18.45 6.77 32.78
CA THR A 45 19.88 6.72 33.19
C THR A 45 20.70 5.87 32.22
N SER A 46 20.13 4.73 31.79
CA SER A 46 20.85 3.66 31.06
C SER A 46 20.70 3.84 29.55
N ILE A 47 20.11 4.95 29.11
CA ILE A 47 19.76 5.20 27.67
C ILE A 47 20.33 6.57 27.27
N ALA A 48 21.01 6.64 26.12
CA ALA A 48 21.47 7.87 25.45
C ALA A 48 20.39 8.30 24.42
N ILE A 49 19.69 9.39 24.73
CA ILE A 49 18.57 9.92 23.91
C ILE A 49 19.12 11.08 23.08
N HIS A 50 19.02 10.99 21.75
CA HIS A 50 19.47 12.02 20.77
C HIS A 50 18.24 12.53 20.03
N ARG A 51 17.93 13.81 20.21
CA ARG A 51 16.67 14.40 19.70
C ARG A 51 16.98 15.56 18.75
N ALA A 52 16.54 15.48 17.50
CA ALA A 52 16.62 16.61 16.53
C ALA A 52 15.21 16.88 15.99
N GLY A 53 14.50 17.84 16.59
CA GLY A 53 13.10 18.13 16.23
C GLY A 53 12.20 16.91 16.37
N GLU A 54 11.50 16.50 15.31
CA GLU A 54 10.55 15.35 15.37
C GLU A 54 11.27 14.02 15.20
N PHE A 55 12.60 14.01 15.12
CA PHE A 55 13.40 12.76 15.12
C PHE A 55 13.98 12.49 16.51
N THR A 56 13.78 11.26 17.02
CA THR A 56 14.40 10.85 18.32
C THR A 56 15.08 9.49 18.12
N LEU A 57 16.35 9.38 18.52
CA LEU A 57 17.13 8.11 18.55
C LEU A 57 17.43 7.71 20.01
N PHE A 58 17.13 6.46 20.36
CA PHE A 58 17.41 5.82 21.69
C PHE A 58 18.56 4.83 21.48
N ARG A 59 19.68 5.01 22.19
CA ARG A 59 20.80 4.04 22.21
C ARG A 59 20.83 3.41 23.61
N PHE A 60 20.62 2.10 23.67
CA PHE A 60 20.56 1.30 24.92
C PHE A 60 21.96 0.83 25.29
N SER A 61 22.20 0.64 26.58
CA SER A 61 23.50 0.17 27.13
C SER A 61 23.55 -1.35 27.03
N LYS A 62 22.43 -2.02 26.73
CA LYS A 62 22.34 -3.49 26.50
C LYS A 62 21.53 -3.84 25.25
N LYS A 63 21.70 -5.07 24.76
CA LYS A 63 21.04 -5.55 23.51
C LYS A 63 19.60 -5.94 23.79
N ILE A 64 18.67 -5.11 23.37
CA ILE A 64 17.21 -5.31 23.59
C ILE A 64 16.71 -6.26 22.50
N ARG A 65 17.24 -6.18 21.27
CA ARG A 65 16.81 -7.05 20.15
C ARG A 65 18.01 -7.79 19.56
N PRO A 66 18.54 -8.81 20.27
CA PRO A 66 19.70 -9.58 19.78
C PRO A 66 19.40 -10.49 18.59
N ASP A 67 18.13 -10.64 18.20
CA ASP A 67 17.72 -11.37 16.98
C ASP A 67 18.11 -10.58 15.74
N LEU A 68 18.36 -9.27 15.85
CA LEU A 68 18.57 -8.38 14.67
C LEU A 68 20.07 -8.15 14.38
N THR A 69 20.37 -7.91 13.10
CA THR A 69 21.64 -7.34 12.59
C THR A 69 21.50 -5.81 12.52
N GLY A 70 22.56 -5.05 12.83
CA GLY A 70 22.64 -3.62 12.55
C GLY A 70 22.54 -3.36 11.04
N MET A 71 21.74 -2.37 10.63
CA MET A 71 21.60 -1.94 9.22
C MET A 71 21.94 -0.44 9.09
N ILE A 72 21.99 0.08 7.87
CA ILE A 72 22.36 1.49 7.59
C ILE A 72 21.18 2.45 7.83
N LEU A 73 21.37 3.48 8.67
CA LEU A 73 20.54 4.70 8.86
C LEU A 73 21.22 5.88 8.17
N GLU A 74 20.55 6.49 7.20
CA GLU A 74 21.06 7.71 6.52
C GLU A 74 20.22 8.94 6.86
N GLU A 75 20.79 10.13 6.65
CA GLU A 75 20.10 11.42 6.92
C GLU A 75 19.24 11.78 5.71
N GLY A 76 18.04 11.20 5.60
CA GLY A 76 17.18 11.37 4.40
C GLY A 76 17.77 10.66 3.19
N CYS A 77 17.20 10.89 1.99
CA CYS A 77 17.65 10.26 0.71
C CYS A 77 17.71 11.30 -0.40
N PRO A 78 18.35 10.97 -1.56
CA PRO A 78 18.36 11.86 -2.71
C PRO A 78 16.91 12.14 -3.12
N GLU A 79 16.73 13.37 -3.57
CA GLU A 79 15.44 13.81 -4.09
C GLU A 79 15.23 12.92 -5.32
N GLY A 80 14.00 12.45 -5.45
CA GLY A 80 13.63 11.57 -6.56
C GLY A 80 13.58 10.11 -6.18
N THR A 81 14.21 9.71 -5.08
CA THR A 81 14.22 8.30 -4.58
C THR A 81 12.77 7.92 -4.31
N VAL A 82 12.37 6.71 -4.74
CA VAL A 82 11.07 6.12 -4.32
C VAL A 82 11.33 5.28 -3.05
N CYS A 83 10.63 5.64 -1.96
CA CYS A 83 10.72 4.91 -0.67
C CYS A 83 9.43 4.11 -0.44
N SER A 84 9.47 3.14 0.47
CA SER A 84 8.26 2.52 1.05
C SER A 84 8.13 2.96 2.50
N VAL A 85 6.93 3.36 2.96
CA VAL A 85 6.64 3.65 4.39
C VAL A 85 6.04 2.38 5.02
N LEU A 86 6.69 1.75 6.00
CA LEU A 86 6.25 0.37 6.45
C LEU A 86 5.17 0.52 7.53
N ILE A 87 3.91 0.60 7.09
CA ILE A 87 2.70 0.86 7.91
C ILE A 87 1.99 -0.45 8.29
N LYS A 88 1.71 -0.66 9.60
CA LYS A 88 0.92 -1.82 10.07
C LYS A 88 -0.52 -1.37 10.33
N ARG A 89 -1.52 -2.07 9.79
CA ARG A 89 -2.94 -1.70 10.04
C ARG A 89 -3.74 -2.85 10.71
N ASP A 90 -5.05 -2.75 10.82
CA ASP A 90 -5.90 -3.67 11.64
C ASP A 90 -5.85 -5.14 11.14
N SER A 91 -5.03 -5.90 11.85
CA SER A 91 -5.09 -7.37 12.02
C SER A 91 -4.08 -8.02 11.09
N GLY A 92 -2.83 -7.65 11.31
CA GLY A 92 -1.69 -8.19 10.55
C GLY A 92 -1.73 -7.77 9.10
N GLU A 93 -2.54 -6.77 8.72
CA GLU A 93 -2.33 -6.18 7.37
C GLU A 93 -1.06 -5.30 7.37
N LEU A 94 -0.28 -5.48 6.32
CA LEU A 94 1.01 -4.79 6.10
C LEU A 94 0.87 -3.90 4.86
N LEU A 95 1.06 -2.59 5.02
CA LEU A 95 0.84 -1.59 3.94
C LEU A 95 2.16 -0.87 3.64
N PRO A 96 3.00 -1.36 2.70
CA PRO A 96 4.20 -0.64 2.28
C PRO A 96 3.84 0.46 1.25
N LEU A 97 3.52 1.68 1.72
CA LEU A 97 3.03 2.79 0.88
C LEU A 97 4.21 3.38 0.10
N ALA A 98 4.07 3.41 -1.23
CA ALA A 98 5.05 4.00 -2.16
C ALA A 98 5.03 5.54 -2.06
N VAL A 99 6.21 6.16 -1.95
CA VAL A 99 6.35 7.66 -1.82
CA VAL A 99 6.35 7.65 -1.84
C VAL A 99 7.54 8.12 -2.67
N ARG A 100 7.33 9.15 -3.50
CA ARG A 100 8.47 9.80 -4.21
C ARG A 100 8.97 10.95 -3.30
N MET A 101 10.25 10.92 -2.93
CA MET A 101 10.82 11.91 -1.97
C MET A 101 11.29 13.18 -2.73
N GLY A 102 11.17 14.34 -2.08
CA GLY A 102 11.58 15.66 -2.56
C GLY A 102 12.51 16.34 -1.57
N ALA A 103 12.44 17.67 -1.50
CA ALA A 103 13.36 18.55 -0.75
C ALA A 103 13.08 18.47 0.74
N ILE A 104 14.08 18.87 1.52
CA ILE A 104 13.94 19.33 2.93
C ILE A 104 13.02 20.56 2.95
N ALA A 105 12.02 20.53 3.83
CA ALA A 105 10.91 21.50 3.88
C ALA A 105 10.50 21.86 5.32
N SER A 106 10.08 23.11 5.49
CA SER A 106 9.37 23.59 6.68
C SER A 106 7.94 23.97 6.28
N MET A 107 6.95 23.39 6.99
CA MET A 107 5.51 23.52 6.71
C MET A 107 4.76 23.80 8.00
N ARG A 108 3.54 24.29 7.82
CA ARG A 108 2.51 24.37 8.87
C ARG A 108 1.39 23.41 8.45
N ILE A 109 1.18 22.37 9.26
CA ILE A 109 0.21 21.27 9.04
C ILE A 109 -0.69 21.25 10.27
N GLN A 110 -1.96 21.62 10.05
CA GLN A 110 -2.99 21.78 11.11
C GLN A 110 -2.44 22.84 12.08
N GLY A 111 -2.41 22.61 13.40
CA GLY A 111 -1.71 23.58 14.28
C GLY A 111 -0.25 23.84 13.87
N ARG A 112 0.49 22.76 13.61
CA ARG A 112 1.91 22.52 14.01
C ARG A 112 2.91 23.01 12.97
N LEU A 113 4.07 23.49 13.43
CA LEU A 113 5.26 23.73 12.56
C LEU A 113 6.07 22.43 12.51
N VAL A 114 6.22 21.90 11.28
CA VAL A 114 6.88 20.61 10.93
C VAL A 114 8.08 20.86 9.99
N HIS A 115 9.19 20.17 10.28
CA HIS A 115 10.44 20.25 9.51
C HIS A 115 10.95 18.83 9.22
N GLY A 116 11.19 18.52 7.96
CA GLY A 116 11.76 17.23 7.55
C GLY A 116 11.86 17.07 6.04
N GLN A 117 11.91 15.81 5.57
CA GLN A 117 12.00 15.55 4.11
C GLN A 117 10.58 15.35 3.56
N SER A 118 10.15 16.20 2.62
CA SER A 118 8.81 16.11 2.02
C SER A 118 8.82 14.97 0.98
N GLY A 119 7.68 14.38 0.75
CA GLY A 119 7.44 13.44 -0.37
C GLY A 119 5.97 13.38 -0.78
N MET A 120 5.71 12.75 -1.92
CA MET A 120 4.33 12.67 -2.48
C MET A 120 3.93 11.18 -2.64
N LEU A 121 2.76 10.82 -2.11
CA LEU A 121 2.29 9.42 -2.23
C LEU A 121 2.14 9.02 -3.69
N LEU A 122 2.47 7.75 -4.00
CA LEU A 122 2.29 7.13 -5.35
C LEU A 122 1.25 6.01 -5.29
N THR A 123 0.27 6.18 -4.42
CA THR A 123 -0.79 5.17 -4.16
C THR A 123 -2.08 5.46 -4.96
N GLY A 124 -2.32 6.70 -5.40
CA GLY A 124 -3.59 7.17 -5.96
C GLY A 124 -3.75 8.69 -5.90
N ALA A 125 -4.84 9.23 -6.45
CA ALA A 125 -4.92 10.69 -6.73
C ALA A 125 -5.21 11.48 -5.45
N ASN A 126 -6.29 11.16 -4.75
CA ASN A 126 -6.90 12.05 -3.71
C ASN A 126 -6.91 11.28 -2.41
N ALA A 127 -5.71 10.89 -1.96
CA ALA A 127 -5.40 9.75 -1.06
C ALA A 127 -5.79 10.01 0.41
N LYS A 128 -6.72 10.93 0.68
CA LYS A 128 -7.09 11.41 2.05
C LYS A 128 -7.92 10.36 2.79
N GLY A 129 -7.32 9.43 3.50
CA GLY A 129 -8.08 8.30 4.05
C GLY A 129 -7.20 7.11 4.32
N MET A 130 -7.73 6.13 5.08
CA MET A 130 -6.92 4.98 5.54
C MET A 130 -6.68 4.02 4.38
N ASP A 131 -7.48 4.04 3.31
CA ASP A 131 -7.39 2.98 2.24
C ASP A 131 -6.12 3.21 1.40
N LEU A 132 -5.86 4.45 0.96
CA LEU A 132 -4.73 4.76 0.05
C LEU A 132 -3.70 5.67 0.74
N GLY A 133 -4.02 6.27 1.89
CA GLY A 133 -3.11 7.22 2.59
C GLY A 133 -2.72 6.88 4.04
N THR A 134 -2.11 7.87 4.70
CA THR A 134 -1.67 7.76 6.12
C THR A 134 -2.77 8.25 7.05
N ILE A 135 -2.70 7.82 8.31
CA ILE A 135 -3.57 8.23 9.45
C ILE A 135 -2.64 8.61 10.62
N PRO A 136 -3.12 9.37 11.61
CA PRO A 136 -2.25 9.82 12.71
C PRO A 136 -1.56 8.65 13.46
N GLY A 137 -2.22 7.49 13.57
CA GLY A 137 -1.64 6.29 14.24
C GLY A 137 -0.42 5.74 13.52
N ASP A 138 -0.13 6.20 12.30
CA ASP A 138 1.05 5.72 11.53
C ASP A 138 2.36 6.44 11.92
N CYS A 139 2.33 7.49 12.74
CA CYS A 139 3.55 8.28 13.06
C CYS A 139 4.61 7.36 13.69
N GLY A 140 5.88 7.50 13.25
CA GLY A 140 7.00 6.64 13.65
C GLY A 140 7.32 5.52 12.67
N ALA A 141 6.44 5.20 11.72
CA ALA A 141 6.70 4.16 10.70
C ALA A 141 7.92 4.53 9.87
N PRO A 142 8.82 3.57 9.56
CA PRO A 142 10.02 3.94 8.85
C PRO A 142 9.87 4.13 7.32
N TYR A 143 10.71 5.03 6.79
CA TYR A 143 10.89 5.23 5.33
C TYR A 143 12.12 4.43 4.90
N VAL A 144 11.95 3.44 4.00
CA VAL A 144 13.05 2.54 3.56
C VAL A 144 13.15 2.50 2.04
N TYR A 145 14.34 2.14 1.51
CA TYR A 145 14.49 1.89 0.08
C TYR A 145 15.64 0.89 -0.09
N LYS A 146 15.61 0.22 -1.22
CA LYS A 146 16.64 -0.77 -1.60
C LYS A 146 17.72 -0.10 -2.44
N ARG A 147 18.99 -0.37 -2.17
CA ARG A 147 19.95 0.49 -2.91
C ARG A 147 20.92 -0.27 -3.81
N ALA A 148 21.19 -1.54 -3.61
CA ALA A 148 21.95 -2.37 -4.58
C ALA A 148 21.74 -3.83 -4.22
N ASN A 149 22.32 -4.27 -3.11
CA ASN A 149 21.95 -5.55 -2.45
C ASN A 149 21.39 -5.25 -1.07
N ASP A 150 21.52 -3.98 -0.61
CA ASP A 150 21.27 -3.47 0.77
C ASP A 150 19.88 -2.81 0.80
N TRP A 151 19.22 -2.76 1.95
CA TRP A 151 18.12 -1.81 2.26
C TRP A 151 18.66 -0.77 3.25
N VAL A 152 18.11 0.42 3.17
CA VAL A 152 18.50 1.63 3.94
C VAL A 152 17.24 2.13 4.64
N VAL A 153 17.34 2.59 5.88
CA VAL A 153 16.28 3.40 6.52
C VAL A 153 16.73 4.86 6.52
N CYS A 154 15.87 5.78 6.16
CA CYS A 154 16.29 7.19 6.01
C CYS A 154 15.38 8.16 6.76
N GLY A 155 14.43 7.69 7.56
CA GLY A 155 13.60 8.60 8.36
C GLY A 155 12.37 7.89 8.93
N VAL A 156 11.55 8.63 9.67
CA VAL A 156 10.31 8.12 10.33
C VAL A 156 9.15 9.07 10.03
N HIS A 157 7.93 8.53 9.96
CA HIS A 157 6.72 9.29 9.53
C HIS A 157 6.37 10.34 10.59
N ALA A 158 6.24 11.62 10.18
CA ALA A 158 6.02 12.75 11.12
C ALA A 158 4.65 13.41 10.88
N ALA A 159 4.24 13.53 9.62
CA ALA A 159 3.02 14.32 9.31
C ALA A 159 2.52 14.08 7.88
N ALA A 160 1.29 14.49 7.64
CA ALA A 160 0.69 14.52 6.30
C ALA A 160 -0.27 15.71 6.20
N THR A 161 -0.39 16.24 4.98
CA THR A 161 -1.31 17.37 4.72
C THR A 161 -2.77 16.93 4.71
N LYS A 162 -3.68 17.90 4.82
CA LYS A 162 -5.14 17.67 4.87
C LYS A 162 -5.57 16.86 3.63
N SER A 163 -5.00 17.10 2.43
CA SER A 163 -5.33 16.35 1.19
C SER A 163 -4.79 14.93 1.27
N GLY A 164 -3.78 14.72 2.11
CA GLY A 164 -3.10 13.41 2.19
C GLY A 164 -2.00 13.22 1.15
N ASN A 165 -1.93 14.02 0.06
CA ASN A 165 -0.96 13.83 -1.05
C ASN A 165 0.49 13.99 -0.57
N THR A 166 0.76 14.95 0.29
CA THR A 166 2.11 15.29 0.80
C THR A 166 2.32 14.69 2.20
N VAL A 167 3.44 13.99 2.38
CA VAL A 167 3.90 13.46 3.69
C VAL A 167 5.26 14.07 4.07
N VAL A 168 5.59 14.00 5.35
CA VAL A 168 6.89 14.51 5.88
C VAL A 168 7.55 13.40 6.74
N CYS A 169 8.77 13.04 6.37
CA CYS A 169 9.72 12.10 7.02
C CYS A 169 10.64 12.89 7.99
N ALA A 170 10.63 12.64 9.30
CA ALA A 170 11.61 13.28 10.23
C ALA A 170 12.97 12.62 9.97
N VAL A 171 14.08 13.38 9.92
CA VAL A 171 15.43 12.83 9.55
C VAL A 171 16.42 13.11 10.66
N GLN A 172 17.41 12.24 10.74
CA GLN A 172 18.52 12.39 11.70
C GLN A 172 19.29 13.65 11.30
N PRO B 1 -16.85 1.38 9.33
CA PRO B 1 -17.06 0.90 7.94
C PRO B 1 -16.20 -0.31 7.59
N PRO B 2 -16.66 -1.26 6.73
CA PRO B 2 -15.74 -2.09 5.95
C PRO B 2 -14.92 -1.19 5.01
N THR B 3 -13.61 -1.32 5.10
CA THR B 3 -12.58 -0.78 4.17
C THR B 3 -12.85 -1.32 2.75
N LEU B 4 -12.32 -0.65 1.72
CA LEU B 4 -12.27 -1.18 0.34
C LEU B 4 -11.56 -2.54 0.36
N TRP B 5 -10.51 -2.68 1.18
CA TRP B 5 -9.60 -3.85 1.14
C TRP B 5 -10.36 -5.12 1.52
N SER B 6 -11.40 -5.02 2.36
CA SER B 6 -12.16 -6.23 2.79
C SER B 6 -12.96 -6.81 1.60
N ARG B 7 -13.14 -6.06 0.53
CA ARG B 7 -13.84 -6.49 -0.71
C ARG B 7 -12.92 -7.33 -1.61
N VAL B 8 -11.60 -7.18 -1.47
CA VAL B 8 -10.62 -7.93 -2.30
C VAL B 8 -10.40 -9.32 -1.68
N THR B 9 -10.66 -10.38 -2.44
CA THR B 9 -10.82 -11.80 -1.96
C THR B 9 -9.98 -12.73 -2.83
N LYS B 10 -9.28 -13.67 -2.21
CA LYS B 10 -8.47 -14.65 -2.97
C LYS B 10 -9.47 -15.52 -3.76
N PHE B 11 -9.19 -15.79 -5.03
CA PHE B 11 -10.10 -16.54 -5.93
C PHE B 11 -9.34 -17.21 -7.08
N GLY B 12 -9.51 -18.55 -7.24
CA GLY B 12 -8.88 -19.27 -8.35
C GLY B 12 -7.37 -19.10 -8.32
N SER B 13 -6.77 -18.77 -9.46
CA SER B 13 -5.31 -18.50 -9.56
C SER B 13 -4.98 -17.01 -9.27
N GLY B 14 -5.95 -16.19 -8.86
CA GLY B 14 -5.67 -14.76 -8.51
C GLY B 14 -6.63 -14.21 -7.47
N TRP B 15 -7.39 -13.19 -7.82
CA TRP B 15 -8.22 -12.36 -6.92
C TRP B 15 -9.51 -11.93 -7.59
N GLY B 16 -10.43 -11.38 -6.79
CA GLY B 16 -11.65 -10.72 -7.23
C GLY B 16 -12.13 -9.70 -6.21
N PHE B 17 -13.25 -9.03 -6.52
CA PHE B 17 -13.75 -7.86 -5.77
C PHE B 17 -15.26 -7.89 -5.64
N TRP B 18 -15.74 -7.72 -4.39
CA TRP B 18 -17.20 -7.60 -4.05
C TRP B 18 -17.63 -6.15 -4.28
N VAL B 19 -18.43 -5.95 -5.32
CA VAL B 19 -19.08 -4.68 -5.68
C VAL B 19 -20.25 -4.45 -4.72
N SER B 20 -20.93 -5.52 -4.36
CA SER B 20 -22.13 -5.46 -3.48
C SER B 20 -22.26 -6.79 -2.73
N PRO B 21 -23.27 -6.97 -1.83
CA PRO B 21 -23.49 -8.28 -1.19
C PRO B 21 -23.68 -9.45 -2.18
N THR B 22 -24.17 -9.20 -3.40
CA THR B 22 -24.50 -10.26 -4.40
C THR B 22 -23.61 -10.22 -5.66
N VAL B 23 -22.78 -9.20 -5.84
CA VAL B 23 -22.04 -9.04 -7.13
C VAL B 23 -20.51 -9.11 -6.88
N PHE B 24 -19.83 -10.01 -7.57
CA PHE B 24 -18.36 -10.27 -7.49
C PHE B 24 -17.78 -10.15 -8.91
N ILE B 25 -16.69 -9.40 -9.11
CA ILE B 25 -16.04 -9.24 -10.44
C ILE B 25 -14.62 -9.85 -10.35
N THR B 26 -14.12 -10.44 -11.43
CA THR B 26 -12.75 -11.01 -11.50
C THR B 26 -12.27 -11.05 -12.96
N THR B 27 -11.04 -11.46 -13.16
CA THR B 27 -10.41 -11.67 -14.49
C THR B 27 -10.76 -13.08 -14.98
N THR B 28 -11.31 -13.20 -16.16
CA THR B 28 -11.81 -14.50 -16.71
C THR B 28 -10.74 -15.60 -16.55
N HIS B 29 -9.47 -15.35 -16.90
CA HIS B 29 -8.45 -16.44 -16.95
C HIS B 29 -8.12 -17.00 -15.55
N VAL B 30 -8.49 -16.33 -14.43
CA VAL B 30 -8.12 -16.88 -13.09
C VAL B 30 -9.24 -17.81 -12.57
N ILE B 31 -10.42 -17.84 -13.20
CA ILE B 31 -11.59 -18.63 -12.70
C ILE B 31 -11.26 -20.12 -12.89
N PRO B 32 -11.48 -20.99 -11.88
CA PRO B 32 -11.36 -22.43 -12.10
C PRO B 32 -12.24 -22.93 -13.26
N THR B 33 -11.74 -23.93 -13.99
CA THR B 33 -12.49 -24.58 -15.09
C THR B 33 -13.18 -25.87 -14.62
N SER B 34 -12.88 -26.34 -13.42
CA SER B 34 -13.62 -27.48 -12.80
C SER B 34 -14.24 -27.01 -11.47
N ALA B 35 -15.57 -26.90 -11.35
CA ALA B 35 -16.23 -26.38 -10.14
C ALA B 35 -17.71 -26.75 -10.11
N LYS B 36 -18.21 -27.08 -8.91
CA LYS B 36 -19.67 -27.31 -8.68
C LYS B 36 -20.24 -26.17 -7.82
N GLU B 37 -19.41 -25.39 -7.12
CA GLU B 37 -19.83 -24.31 -6.22
C GLU B 37 -18.74 -23.24 -6.15
N PHE B 38 -19.13 -22.01 -5.87
CA PHE B 38 -18.23 -20.91 -5.44
C PHE B 38 -18.82 -20.25 -4.20
N PHE B 39 -17.95 -19.95 -3.23
CA PHE B 39 -18.35 -19.29 -1.97
C PHE B 39 -19.51 -20.07 -1.33
N GLY B 40 -19.56 -21.40 -1.53
CA GLY B 40 -20.54 -22.33 -0.93
C GLY B 40 -21.91 -22.30 -1.60
N GLU B 41 -22.04 -21.55 -2.70
CA GLU B 41 -23.30 -21.46 -3.48
C GLU B 41 -23.16 -22.38 -4.69
N PRO B 42 -24.16 -23.26 -4.98
CA PRO B 42 -24.11 -24.10 -6.17
C PRO B 42 -24.10 -23.28 -7.47
N LEU B 43 -23.26 -23.66 -8.42
CA LEU B 43 -23.14 -22.94 -9.72
C LEU B 43 -24.50 -22.86 -10.39
N THR B 44 -25.38 -23.86 -10.20
CA THR B 44 -26.85 -23.80 -10.48
C THR B 44 -27.41 -22.40 -10.18
N SER B 45 -27.03 -21.81 -9.04
CA SER B 45 -27.58 -20.56 -8.46
C SER B 45 -26.87 -19.29 -8.99
N ILE B 46 -25.80 -19.42 -9.78
CA ILE B 46 -24.94 -18.24 -10.11
C ILE B 46 -25.12 -17.84 -11.57
N ALA B 47 -25.50 -16.59 -11.81
CA ALA B 47 -25.45 -15.90 -13.12
C ALA B 47 -24.01 -15.49 -13.42
N ILE B 48 -23.47 -15.94 -14.55
CA ILE B 48 -22.09 -15.62 -15.00
C ILE B 48 -22.19 -14.82 -16.29
N HIS B 49 -21.64 -13.61 -16.28
CA HIS B 49 -21.58 -12.69 -17.46
C HIS B 49 -20.11 -12.46 -17.82
N ARG B 50 -19.65 -13.05 -18.92
CA ARG B 50 -18.27 -12.90 -19.43
C ARG B 50 -18.26 -11.99 -20.66
N ALA B 51 -17.25 -11.13 -20.71
CA ALA B 51 -16.90 -10.26 -21.86
C ALA B 51 -15.39 -10.21 -21.93
N GLY B 52 -14.78 -11.01 -22.81
CA GLY B 52 -13.31 -11.17 -22.86
C GLY B 52 -12.74 -11.48 -21.48
N GLU B 53 -11.76 -10.72 -21.03
CA GLU B 53 -11.05 -10.95 -19.75
C GLU B 53 -11.84 -10.38 -18.53
N PHE B 54 -13.04 -9.82 -18.70
CA PHE B 54 -13.86 -9.32 -17.57
C PHE B 54 -14.97 -10.34 -17.30
N THR B 55 -15.12 -10.84 -16.06
CA THR B 55 -16.28 -11.69 -15.66
C THR B 55 -16.96 -11.09 -14.42
N LEU B 56 -18.29 -11.01 -14.45
CA LEU B 56 -19.17 -10.66 -13.30
C LEU B 56 -20.04 -11.89 -12.93
N PHE B 57 -20.07 -12.19 -11.63
CA PHE B 57 -20.92 -13.19 -10.95
C PHE B 57 -22.04 -12.47 -10.21
N ARG B 58 -23.29 -12.90 -10.43
CA ARG B 58 -24.40 -12.40 -9.60
C ARG B 58 -25.01 -13.60 -8.86
N PHE B 59 -24.91 -13.59 -7.53
CA PHE B 59 -25.39 -14.65 -6.61
C PHE B 59 -26.88 -14.48 -6.31
N SER B 60 -27.57 -15.56 -5.93
CA SER B 60 -29.02 -15.48 -5.61
C SER B 60 -29.23 -15.17 -4.13
N LYS B 61 -28.21 -15.26 -3.28
CA LYS B 61 -28.41 -14.73 -1.90
C LYS B 61 -27.22 -13.88 -1.52
N LYS B 62 -27.37 -13.17 -0.39
CA LYS B 62 -26.38 -12.17 0.05
C LYS B 62 -25.20 -12.96 0.64
N ILE B 63 -24.06 -12.96 -0.05
CA ILE B 63 -22.81 -13.63 0.38
C ILE B 63 -22.07 -12.66 1.31
N ARG B 64 -22.12 -11.36 1.03
CA ARG B 64 -21.40 -10.36 1.85
C ARG B 64 -22.38 -9.29 2.32
N PRO B 65 -23.32 -9.60 3.25
CA PRO B 65 -24.34 -8.65 3.69
C PRO B 65 -23.79 -7.47 4.50
N ASP B 66 -22.51 -7.57 4.89
CA ASP B 66 -21.80 -6.48 5.58
C ASP B 66 -21.52 -5.32 4.63
N LEU B 67 -21.57 -5.53 3.30
CA LEU B 67 -21.15 -4.43 2.36
C LEU B 67 -22.35 -3.62 1.89
N THR B 68 -22.16 -2.34 1.61
CA THR B 68 -23.05 -1.56 0.70
C THR B 68 -22.66 -1.78 -0.80
N GLY B 69 -23.58 -1.48 -1.70
CA GLY B 69 -23.33 -1.50 -3.15
C GLY B 69 -22.51 -0.29 -3.61
N MET B 70 -21.50 -0.52 -4.44
CA MET B 70 -20.61 0.50 -5.01
C MET B 70 -20.95 0.75 -6.48
N ILE B 71 -20.55 1.92 -7.00
CA ILE B 71 -20.65 2.27 -8.44
C ILE B 71 -19.66 1.43 -9.24
N LEU B 72 -20.17 0.63 -10.18
CA LEU B 72 -19.35 -0.07 -11.22
C LEU B 72 -19.56 0.65 -12.56
N GLU B 73 -18.49 1.04 -13.22
CA GLU B 73 -18.55 1.72 -14.56
C GLU B 73 -17.66 0.96 -15.55
N GLU B 74 -17.91 1.20 -16.86
CA GLU B 74 -17.21 0.51 -17.97
C GLU B 74 -15.93 1.27 -18.27
N GLY B 75 -14.87 1.04 -17.48
CA GLY B 75 -13.65 1.85 -17.57
C GLY B 75 -13.85 3.27 -17.05
N CYS B 76 -12.90 4.16 -17.36
CA CYS B 76 -12.91 5.56 -16.83
C CYS B 76 -12.35 6.50 -17.90
N PRO B 77 -12.57 7.84 -17.72
CA PRO B 77 -12.06 8.83 -18.67
C PRO B 77 -10.53 8.71 -18.78
N GLU B 78 -10.03 8.95 -19.98
CA GLU B 78 -8.57 8.98 -20.23
C GLU B 78 -7.99 10.06 -19.32
N GLY B 79 -6.82 9.77 -18.74
CA GLY B 79 -6.11 10.65 -17.80
C GLY B 79 -6.49 10.40 -16.34
N THR B 80 -7.61 9.70 -16.03
CA THR B 80 -7.91 9.34 -14.62
C THR B 80 -6.69 8.64 -13.99
N VAL B 81 -6.30 9.05 -12.78
CA VAL B 81 -5.36 8.23 -11.97
C VAL B 81 -6.15 7.24 -11.09
N CYS B 82 -6.13 5.96 -11.46
CA CYS B 82 -6.73 4.87 -10.64
C CYS B 82 -5.70 4.33 -9.64
N SER B 83 -6.17 3.56 -8.67
CA SER B 83 -5.38 2.68 -7.79
C SER B 83 -5.76 1.23 -8.12
N VAL B 84 -4.76 0.39 -8.35
CA VAL B 84 -4.94 -1.09 -8.43
C VAL B 84 -4.72 -1.65 -7.00
N LEU B 85 -5.76 -2.25 -6.42
CA LEU B 85 -5.74 -2.73 -5.01
C LEU B 85 -5.16 -4.13 -4.96
N ILE B 86 -3.84 -4.25 -4.94
CA ILE B 86 -3.13 -5.56 -4.98
C ILE B 86 -3.06 -6.14 -3.55
N LYS B 87 -3.54 -7.37 -3.34
CA LYS B 87 -3.20 -8.15 -2.12
C LYS B 87 -2.16 -9.21 -2.46
N ARG B 88 -1.22 -9.48 -1.57
CA ARG B 88 -0.20 -10.54 -1.72
C ARG B 88 -0.40 -11.59 -0.61
N ASP B 89 -0.01 -12.84 -0.85
CA ASP B 89 -0.11 -13.89 0.20
C ASP B 89 0.81 -13.62 1.41
N SER B 90 1.78 -12.71 1.34
CA SER B 90 2.52 -12.24 2.55
C SER B 90 1.63 -11.56 3.62
N GLY B 91 0.43 -11.14 3.25
CA GLY B 91 -0.42 -10.22 4.04
C GLY B 91 -0.20 -8.75 3.66
N GLU B 92 0.68 -8.45 2.71
CA GLU B 92 0.91 -7.08 2.21
C GLU B 92 -0.26 -6.61 1.34
N LEU B 93 -0.62 -5.35 1.51
CA LEU B 93 -1.59 -4.54 0.69
C LEU B 93 -0.79 -3.50 -0.11
N LEU B 94 -0.86 -3.54 -1.47
CA LEU B 94 -0.04 -2.65 -2.35
C LEU B 94 -0.95 -1.84 -3.24
N PRO B 95 -1.46 -0.68 -2.80
CA PRO B 95 -2.18 0.21 -3.70
C PRO B 95 -1.18 0.97 -4.60
N LEU B 96 -1.27 0.76 -5.90
CA LEU B 96 -0.35 1.39 -6.88
C LEU B 96 -1.15 2.34 -7.80
N ALA B 97 -0.66 3.55 -7.98
CA ALA B 97 -1.24 4.55 -8.89
C ALA B 97 -0.94 4.17 -10.36
N VAL B 98 -1.98 4.25 -11.16
CA VAL B 98 -1.96 3.96 -12.62
C VAL B 98 -2.65 5.08 -13.39
N ARG B 99 -1.94 5.70 -14.35
CA ARG B 99 -2.56 6.70 -15.29
C ARG B 99 -3.27 5.92 -16.41
N MET B 100 -4.59 6.09 -16.55
CA MET B 100 -5.36 5.28 -17.52
C MET B 100 -5.36 6.01 -18.88
N GLY B 101 -5.30 5.21 -19.92
CA GLY B 101 -5.34 5.70 -21.31
C GLY B 101 -6.50 5.11 -22.08
N ALA B 102 -6.24 4.80 -23.33
CA ALA B 102 -7.26 4.41 -24.31
C ALA B 102 -7.63 2.95 -24.13
N ILE B 103 -8.85 2.63 -24.52
CA ILE B 103 -9.26 1.22 -24.83
C ILE B 103 -8.50 0.75 -26.07
N ALA B 104 -7.95 -0.46 -26.06
CA ALA B 104 -7.15 -0.97 -27.19
C ALA B 104 -7.03 -2.49 -27.11
N SER B 105 -6.54 -3.08 -28.19
CA SER B 105 -6.00 -4.46 -28.22
C SER B 105 -4.50 -4.31 -28.20
N MET B 106 -3.88 -4.84 -27.16
CA MET B 106 -2.45 -4.56 -26.92
C MET B 106 -1.72 -5.86 -26.92
N ARG B 107 -0.52 -5.80 -27.47
CA ARG B 107 0.44 -6.92 -27.48
C ARG B 107 1.20 -6.85 -26.15
N ILE B 108 1.01 -7.85 -25.30
CA ILE B 108 1.60 -7.87 -23.92
C ILE B 108 2.28 -9.22 -23.78
N GLN B 109 3.63 -9.23 -23.78
CA GLN B 109 4.44 -10.46 -23.86
C GLN B 109 3.91 -11.24 -25.09
N GLY B 110 3.59 -12.54 -24.99
CA GLY B 110 3.11 -13.30 -26.17
C GLY B 110 1.79 -12.79 -26.81
N ARG B 111 1.00 -11.96 -26.13
CA ARG B 111 -0.48 -12.16 -26.04
C ARG B 111 -1.22 -10.89 -26.51
N LEU B 112 -2.33 -11.04 -27.24
CA LEU B 112 -3.31 -9.96 -27.53
C LEU B 112 -4.33 -9.94 -26.39
N VAL B 113 -4.42 -8.80 -25.73
CA VAL B 113 -5.37 -8.57 -24.61
C VAL B 113 -6.13 -7.29 -24.95
N HIS B 114 -7.45 -7.31 -24.81
CA HIS B 114 -8.32 -6.11 -25.02
C HIS B 114 -8.77 -5.52 -23.69
N GLY B 115 -8.60 -4.21 -23.50
CA GLY B 115 -9.09 -3.49 -22.32
C GLY B 115 -8.57 -2.07 -22.25
N GLN B 116 -8.63 -1.43 -21.09
CA GLN B 116 -8.12 -0.04 -20.94
C GLN B 116 -6.63 -0.12 -20.58
N SER B 117 -5.78 0.50 -21.40
CA SER B 117 -4.33 0.61 -21.15
C SER B 117 -4.13 1.50 -19.92
N GLY B 118 -3.06 1.21 -19.16
CA GLY B 118 -2.60 2.13 -18.12
C GLY B 118 -1.09 2.06 -18.00
N MET B 119 -0.52 3.07 -17.37
CA MET B 119 0.94 3.12 -17.06
C MET B 119 1.11 3.29 -15.53
N LEU B 120 1.89 2.41 -14.90
CA LEU B 120 2.23 2.55 -13.45
C LEU B 120 2.99 3.87 -13.25
N LEU B 121 2.71 4.52 -12.14
CA LEU B 121 3.34 5.83 -11.80
C LEU B 121 4.46 5.67 -10.77
N THR B 122 4.97 4.48 -10.56
CA THR B 122 6.05 4.25 -9.56
C THR B 122 7.41 4.32 -10.27
N GLY B 123 7.42 4.47 -11.57
CA GLY B 123 8.58 4.92 -12.35
C GLY B 123 9.77 3.98 -12.26
N ALA B 124 10.97 4.57 -12.35
CA ALA B 124 12.29 3.96 -12.62
C ALA B 124 12.11 2.48 -12.92
N ASN B 125 11.91 1.66 -11.89
CA ASN B 125 11.50 0.24 -12.04
C ASN B 125 10.95 -0.26 -10.71
N ALA B 126 10.23 -1.38 -10.77
CA ALA B 126 9.63 -2.07 -9.60
C ALA B 126 10.52 -3.26 -9.19
N LYS B 127 11.79 -3.25 -9.61
CA LYS B 127 12.70 -4.42 -9.55
C LYS B 127 13.53 -4.35 -8.27
N GLY B 128 13.11 -5.14 -7.28
CA GLY B 128 13.65 -5.14 -5.91
C GLY B 128 12.61 -4.66 -4.91
N MET B 129 11.84 -3.62 -5.25
CA MET B 129 10.90 -2.97 -4.29
C MET B 129 9.44 -3.28 -4.68
N ASP B 130 8.57 -3.03 -3.72
CA ASP B 130 7.10 -3.26 -3.83
C ASP B 130 6.48 -2.16 -4.73
N LEU B 131 6.81 -2.13 -6.01
CA LEU B 131 6.45 -0.97 -6.87
C LEU B 131 5.78 -1.39 -8.19
N GLY B 132 5.57 -2.69 -8.41
CA GLY B 132 4.94 -3.19 -9.65
C GLY B 132 4.07 -4.43 -9.44
N THR B 133 3.44 -4.90 -10.51
CA THR B 133 2.54 -6.07 -10.49
C THR B 133 3.36 -7.33 -10.81
N ILE B 134 2.81 -8.49 -10.47
CA ILE B 134 3.38 -9.84 -10.74
C ILE B 134 2.21 -10.69 -11.26
N PRO B 135 2.46 -11.82 -11.95
CA PRO B 135 1.35 -12.62 -12.52
C PRO B 135 0.19 -13.03 -11.57
N GLY B 136 0.51 -13.37 -10.33
CA GLY B 136 -0.47 -13.79 -9.32
C GLY B 136 -1.43 -12.68 -8.92
N ASP B 137 -1.17 -11.43 -9.31
CA ASP B 137 -2.06 -10.29 -8.94
C ASP B 137 -3.31 -10.19 -9.83
N CYS B 138 -3.50 -11.04 -10.85
CA CYS B 138 -4.64 -10.87 -11.82
C CYS B 138 -5.97 -10.93 -11.05
N GLY B 139 -6.89 -10.06 -11.44
CA GLY B 139 -8.24 -9.91 -10.82
C GLY B 139 -8.32 -8.76 -9.82
N ALA B 140 -7.20 -8.20 -9.39
CA ALA B 140 -7.21 -7.04 -8.47
C ALA B 140 -8.04 -5.92 -9.12
N PRO B 141 -8.84 -5.19 -8.34
CA PRO B 141 -9.69 -4.15 -8.93
C PRO B 141 -8.93 -2.83 -9.22
N TYR B 142 -9.43 -2.09 -10.21
CA TYR B 142 -9.05 -0.66 -10.47
C TYR B 142 -10.12 0.25 -9.85
N VAL B 143 -9.72 1.21 -8.97
CA VAL B 143 -10.71 2.10 -8.29
C VAL B 143 -10.23 3.56 -8.32
N TYR B 144 -11.16 4.47 -8.14
CA TYR B 144 -10.80 5.90 -7.96
C TYR B 144 -11.92 6.60 -7.19
N LYS B 145 -11.57 7.70 -6.54
CA LYS B 145 -12.50 8.54 -5.78
C LYS B 145 -12.97 9.68 -6.68
N ARG B 146 -14.29 9.84 -6.78
CA ARG B 146 -14.90 10.90 -7.59
C ARG B 146 -15.92 11.63 -6.72
N ALA B 147 -15.66 12.90 -6.35
CA ALA B 147 -16.40 13.62 -5.30
C ALA B 147 -16.30 12.77 -4.02
N ASN B 148 -17.42 12.44 -3.39
CA ASN B 148 -17.48 11.57 -2.17
C ASN B 148 -17.61 10.10 -2.55
N ASP B 149 -17.67 9.77 -3.86
CA ASP B 149 -18.04 8.42 -4.35
C ASP B 149 -16.80 7.64 -4.78
N TRP B 150 -16.58 6.43 -4.24
CA TRP B 150 -15.64 5.42 -4.80
C TRP B 150 -16.29 4.76 -6.04
N VAL B 151 -15.50 4.62 -7.10
CA VAL B 151 -15.91 3.96 -8.37
C VAL B 151 -14.94 2.80 -8.61
N VAL B 152 -15.48 1.62 -8.98
CA VAL B 152 -14.65 0.51 -9.50
C VAL B 152 -14.89 0.45 -11.01
N CYS B 153 -13.82 0.39 -11.78
CA CYS B 153 -13.97 0.51 -13.25
C CYS B 153 -13.36 -0.65 -14.02
N GLY B 154 -12.85 -1.69 -13.33
CA GLY B 154 -12.36 -2.92 -14.01
C GLY B 154 -11.44 -3.76 -13.15
N VAL B 155 -10.81 -4.77 -13.76
CA VAL B 155 -9.97 -5.78 -13.06
C VAL B 155 -8.63 -5.96 -13.77
N HIS B 156 -7.58 -6.27 -13.00
CA HIS B 156 -6.21 -6.42 -13.54
C HIS B 156 -6.13 -7.69 -14.44
N ALA B 157 -5.85 -7.53 -15.75
CA ALA B 157 -5.82 -8.62 -16.76
C ALA B 157 -4.39 -9.03 -17.17
N ALA B 158 -3.47 -8.09 -17.30
CA ALA B 158 -2.14 -8.34 -17.88
C ALA B 158 -1.17 -7.21 -17.57
N ALA B 159 0.13 -7.50 -17.68
CA ALA B 159 1.19 -6.51 -17.55
C ALA B 159 2.39 -6.93 -18.39
N THR B 160 3.11 -5.97 -18.89
CA THR B 160 4.40 -6.23 -19.60
C THR B 160 5.46 -6.73 -18.62
N LYS B 161 6.44 -7.47 -19.16
CA LYS B 161 7.71 -7.83 -18.48
C LYS B 161 8.28 -6.55 -17.87
N SER B 162 8.61 -5.56 -18.72
CA SER B 162 8.99 -4.16 -18.31
C SER B 162 8.31 -3.80 -17.00
N GLY B 163 7.00 -3.95 -16.98
CA GLY B 163 6.18 -3.59 -15.82
C GLY B 163 5.55 -2.23 -15.99
N ASN B 164 5.99 -1.37 -16.93
CA ASN B 164 5.37 -0.02 -17.14
C ASN B 164 3.88 -0.13 -17.55
N THR B 165 3.51 -0.95 -18.55
CA THR B 165 2.16 -1.00 -19.15
C THR B 165 1.33 -2.12 -18.50
N VAL B 166 0.09 -1.79 -18.15
CA VAL B 166 -0.92 -2.74 -17.57
C VAL B 166 -2.20 -2.66 -18.41
N VAL B 167 -2.99 -3.71 -18.34
CA VAL B 167 -4.33 -3.75 -18.98
C VAL B 167 -5.38 -4.00 -17.90
N CYS B 168 -6.40 -3.14 -17.88
CA CYS B 168 -7.62 -3.20 -17.02
C CYS B 168 -8.77 -3.75 -17.88
N ALA B 169 -9.24 -4.97 -17.64
CA ALA B 169 -10.38 -5.52 -18.40
C ALA B 169 -11.65 -4.81 -17.91
N VAL B 170 -12.54 -4.46 -18.81
CA VAL B 170 -13.77 -3.67 -18.46
C VAL B 170 -15.06 -4.39 -18.90
N GLN B 171 -16.15 -4.03 -18.26
CA GLN B 171 -17.54 -4.51 -18.56
C GLN B 171 -17.88 -4.11 -19.99
N ALA B 172 -18.59 -4.94 -20.74
CA ALA B 172 -18.97 -4.69 -22.16
C ALA B 172 -20.49 -4.50 -22.24
#